data_5WAW
#
_entry.id   5WAW
#
_cell.length_a   132.018
_cell.length_b   58.014
_cell.length_c   80.442
_cell.angle_alpha   90.00
_cell.angle_beta   124.38
_cell.angle_gamma   90.00
#
_symmetry.space_group_name_H-M   'C 1 2 1'
#
loop_
_entity.id
_entity.type
_entity.pdbx_description
1 polymer 'fAb Light Chain'
2 polymer 'fAb Heavy Chain'
3 non-polymer 'ZINC ION'
4 non-polymer GLYCEROL
5 water water
#
loop_
_entity_poly.entity_id
_entity_poly.type
_entity_poly.pdbx_seq_one_letter_code
_entity_poly.pdbx_strand_id
1 'polypeptide(L)'
;DIVMTQSPLSLPVTPGEPASISCRVSQSLLHSNGYTYLHWYLQKPGQSPQLLIYKVSNRFSGVPDRFSGSGSGTDFTLKI
SRVEAEDVGVYYCSQTRHVPYTFGGGTKVEIKRTVAAPSVFIFPPSDEQLKSGTASVVCLLNNFYPREAKVQWKVDNALQ
SGNSQESVTEQDSKDSTYSLSSTLTLSKADYEKHKVYACEVTHQGLSSPVTKSFNRGEC
;
L
2 'polypeptide(L)'
;EVQLVESGGGLVQPGGSLRLSCAVSGFTFSDNGMAWVRQAPGKGLEWVSFISNLAYSIDYADTVTGRFTISRDNAKNSLY
LQMNSLRAEDTAVYYCVSGTWFAYWGQGTLVTVSSASTKGPSVFPLAPSSKSTSGGTAALGCLVKDYFPEPVTVSWNSGA
LTSGVHTFPAVLQSSGLYSLSSVVTVPSSSLGTQTYICNVNHKPSNTKVDKKVEPKS
;
H
#
# COMPACT_ATOMS: atom_id res chain seq x y z
N ASP A 1 19.92 17.01 -8.85
CA ASP A 1 21.22 17.66 -8.47
C ASP A 1 21.60 17.59 -6.99
N ILE A 2 20.63 17.40 -6.10
CA ILE A 2 20.91 17.40 -4.66
C ILE A 2 20.24 16.19 -3.95
N VAL A 3 21.10 15.31 -3.42
CA VAL A 3 20.75 13.92 -3.12
C VAL A 3 20.57 13.72 -1.61
N MET A 4 19.53 12.98 -1.25
CA MET A 4 19.09 12.83 0.13
C MET A 4 19.17 11.35 0.49
N THR A 5 19.92 11.03 1.54
CA THR A 5 20.10 9.65 1.93
C THR A 5 19.63 9.48 3.38
N GLN A 6 18.61 8.63 3.58
CA GLN A 6 18.05 8.38 4.92
C GLN A 6 18.63 7.11 5.58
N SER A 7 18.81 7.14 6.90
CA SER A 7 19.25 5.99 7.72
C SER A 7 18.47 5.93 9.03
N PRO A 8 18.03 4.75 9.47
CA PRO A 8 18.17 3.49 8.75
C PRO A 8 17.03 3.28 7.76
N LEU A 9 17.09 2.17 7.02
CA LEU A 9 16.09 1.82 6.02
C LEU A 9 14.80 1.33 6.68
N SER A 10 14.95 0.56 7.75
CA SER A 10 13.82 0.07 8.53
C SER A 10 14.15 0.17 10.03
N LEU A 11 13.14 0.52 10.83
CA LEU A 11 13.34 0.80 12.25
C LEU A 11 12.16 0.30 13.07
N PRO A 12 12.30 -0.89 13.68
CA PRO A 12 11.30 -1.35 14.63
C PRO A 12 11.66 -0.90 16.05
N VAL A 13 10.65 -0.46 16.81
CA VAL A 13 10.83 0.12 18.16
C VAL A 13 9.80 -0.41 19.15
N THR A 14 10.25 -0.65 20.40
CA THR A 14 9.36 -0.95 21.53
C THR A 14 8.65 0.37 21.92
N PRO A 15 7.29 0.38 21.97
CA PRO A 15 6.59 1.65 22.25
C PRO A 15 6.94 2.23 23.61
N GLY A 16 7.10 3.55 23.70
CA GLY A 16 7.65 4.21 24.90
C GLY A 16 9.16 4.46 24.85
N GLU A 17 9.91 3.58 24.17
CA GLU A 17 11.34 3.79 23.89
C GLU A 17 11.52 4.91 22.85
N PRO A 18 12.70 5.56 22.81
CA PRO A 18 12.95 6.64 21.85
C PRO A 18 13.23 6.14 20.43
N ALA A 19 13.25 7.08 19.48
CA ALA A 19 13.56 6.76 18.07
C ALA A 19 14.31 7.91 17.44
N SER A 20 15.07 7.58 16.41
CA SER A 20 16.01 8.51 15.83
C SER A 20 16.26 8.11 14.38
N ILE A 21 16.28 9.09 13.49
CA ILE A 21 16.45 8.87 12.07
C ILE A 21 17.38 9.95 11.60
N SER A 22 18.28 9.65 10.67
CA SER A 22 19.11 10.70 10.07
C SER A 22 18.82 10.80 8.57
N CYS A 23 19.01 12.01 8.04
CA CYS A 23 18.89 12.33 6.64
C CYS A 23 20.15 13.10 6.29
N ARG A 24 20.88 12.62 5.29
CA ARG A 24 22.16 13.21 4.91
C ARG A 24 22.06 13.70 3.49
N VAL A 25 22.62 14.89 3.25
CA VAL A 25 22.51 15.53 1.95
C VAL A 25 23.87 15.66 1.28
N SER A 26 23.81 15.62 -0.05
CA SER A 26 25.00 15.70 -0.88
C SER A 26 25.69 17.08 -0.86
N GLN A 27 24.91 18.15 -0.78
CA GLN A 27 25.41 19.54 -0.80
C GLN A 27 24.82 20.31 0.37
N SER A 28 25.56 21.27 0.93
CA SER A 28 25.06 22.04 2.08
C SER A 28 23.76 22.74 1.71
N LEU A 29 22.76 22.64 2.58
CA LEU A 29 21.44 23.26 2.35
C LEU A 29 21.32 24.65 2.97
N LEU A 30 22.33 25.11 3.71
CA LEU A 30 22.36 26.49 4.22
C LEU A 30 22.22 27.48 3.05
N HIS A 31 21.42 28.53 3.23
CA HIS A 31 21.21 29.55 2.18
C HIS A 31 21.45 30.98 2.70
N SER A 32 21.53 31.92 1.75
CA SER A 32 21.75 33.35 2.03
C SER A 32 20.65 33.97 2.91
N ASN A 33 19.43 33.45 2.78
CA ASN A 33 18.30 33.80 3.65
C ASN A 33 18.64 33.72 5.15
N GLY A 34 19.34 32.66 5.53
CA GLY A 34 19.53 32.29 6.92
C GLY A 34 18.57 31.20 7.36
N TYR A 35 17.75 30.69 6.43
CA TYR A 35 16.88 29.54 6.65
C TYR A 35 17.30 28.37 5.76
N THR A 36 17.33 27.18 6.36
CA THR A 36 17.64 25.92 5.69
C THR A 36 16.32 25.22 5.38
N TYR A 37 15.99 25.07 4.10
CA TYR A 37 14.66 24.57 3.69
C TYR A 37 14.63 23.04 3.62
N LEU A 38 14.76 22.42 4.79
CA LEU A 38 14.67 20.98 4.94
C LEU A 38 13.49 20.65 5.82
N HIS A 39 12.73 19.63 5.40
CA HIS A 39 11.45 19.31 5.99
C HIS A 39 11.34 17.81 6.19
N TRP A 40 10.48 17.42 7.13
CA TRP A 40 10.25 16.02 7.47
C TRP A 40 8.78 15.70 7.33
N TYR A 41 8.47 14.48 6.90
CA TYR A 41 7.10 14.06 6.55
C TYR A 41 6.85 12.68 7.07
N LEU A 42 5.57 12.37 7.28
CA LEU A 42 5.12 11.03 7.64
C LEU A 42 4.04 10.61 6.69
N GLN A 43 4.13 9.38 6.22
CA GLN A 43 3.06 8.75 5.48
C GLN A 43 2.63 7.52 6.25
N LYS A 44 1.47 7.62 6.90
CA LYS A 44 0.88 6.51 7.63
C LYS A 44 0.29 5.56 6.60
N PRO A 45 0.21 4.26 6.93
CA PRO A 45 -0.25 3.27 5.95
C PRO A 45 -1.63 3.57 5.41
N GLY A 46 -1.79 3.40 4.09
CA GLY A 46 -3.08 3.64 3.42
C GLY A 46 -3.44 5.10 3.21
N GLN A 47 -2.59 6.01 3.68
CA GLN A 47 -2.90 7.40 3.85
C GLN A 47 -2.02 8.25 2.95
N SER A 48 -2.43 9.49 2.76
CA SER A 48 -1.63 10.47 2.06
C SER A 48 -0.48 10.93 2.99
N PRO A 49 0.62 11.47 2.43
CA PRO A 49 1.67 11.97 3.33
C PRO A 49 1.25 13.22 4.11
N GLN A 50 2.02 13.61 5.13
CA GLN A 50 1.70 14.78 5.92
C GLN A 50 2.92 15.41 6.55
N LEU A 51 2.92 16.73 6.65
CA LEU A 51 4.05 17.48 7.20
C LEU A 51 4.13 17.33 8.72
N LEU A 52 5.33 17.04 9.21
CA LEU A 52 5.61 17.00 10.65
C LEU A 52 6.46 18.19 11.05
N ILE A 53 7.67 18.28 10.51
CA ILE A 53 8.60 19.35 10.84
C ILE A 53 8.97 20.10 9.57
N TYR A 54 9.10 21.42 9.67
CA TYR A 54 9.45 22.28 8.53
C TYR A 54 10.63 23.19 8.90
N LYS A 55 11.43 23.57 7.89
CA LYS A 55 12.59 24.46 8.07
C LYS A 55 13.52 23.95 9.20
N VAL A 56 13.80 22.65 9.16
CA VAL A 56 14.69 21.91 10.09
C VAL A 56 14.08 21.51 11.43
N SER A 57 13.57 22.47 12.21
CA SER A 57 13.20 22.23 13.62
C SER A 57 11.78 22.65 14.07
N ASN A 58 11.06 23.42 13.24
CA ASN A 58 9.75 23.95 13.62
C ASN A 58 8.67 22.87 13.52
N ARG A 59 7.89 22.69 14.59
CA ARG A 59 6.76 21.75 14.62
C ARG A 59 5.55 22.38 13.92
N PHE A 60 5.04 21.74 12.87
CA PHE A 60 3.84 22.17 12.16
C PHE A 60 2.62 22.01 13.09
N SER A 61 1.53 22.72 12.82
CA SER A 61 0.33 22.61 13.65
C SER A 61 -0.37 21.24 13.50
N GLY A 62 -0.89 20.74 14.62
CA GLY A 62 -1.48 19.40 14.72
C GLY A 62 -0.50 18.38 15.27
N VAL A 63 0.78 18.72 15.29
CA VAL A 63 1.86 17.75 15.44
C VAL A 63 2.30 17.71 16.90
N PRO A 64 2.33 16.50 17.50
CA PRO A 64 2.77 16.36 18.91
C PRO A 64 4.17 16.90 19.23
N ASP A 65 4.33 17.33 20.49
CA ASP A 65 5.62 17.80 21.01
C ASP A 65 6.68 16.70 21.14
N ARG A 66 6.26 15.44 21.03
CA ARG A 66 7.18 14.28 21.02
C ARG A 66 8.22 14.33 19.89
N PHE A 67 7.76 14.82 18.74
CA PHE A 67 8.57 14.95 17.53
C PHE A 67 9.49 16.17 17.62
N SER A 68 10.78 15.94 17.35
CA SER A 68 11.82 16.97 17.34
C SER A 68 12.63 16.89 16.03
N GLY A 69 13.08 18.06 15.56
CA GLY A 69 13.87 18.20 14.34
C GLY A 69 15.15 18.95 14.67
N SER A 70 16.26 18.50 14.08
CA SER A 70 17.59 18.86 14.57
C SER A 70 18.64 18.87 13.45
N GLY A 71 19.72 19.64 13.63
CA GLY A 71 20.90 19.60 12.73
C GLY A 71 21.12 20.79 11.80
N SER A 72 22.20 20.73 11.02
CA SER A 72 22.60 21.82 10.11
C SER A 72 23.58 21.34 9.03
N GLY A 73 23.72 22.13 7.98
CA GLY A 73 24.74 21.89 6.94
C GLY A 73 24.40 20.71 6.04
N THR A 74 25.15 19.61 6.18
CA THR A 74 24.93 18.36 5.43
C THR A 74 24.09 17.31 6.18
N ASP A 75 24.05 17.41 7.51
CA ASP A 75 23.51 16.36 8.35
C ASP A 75 22.32 16.85 9.20
N PHE A 76 21.25 16.06 9.21
CA PHE A 76 19.99 16.40 9.91
C PHE A 76 19.36 15.18 10.54
N THR A 77 18.58 15.41 11.61
CA THR A 77 18.04 14.36 12.47
C THR A 77 16.58 14.64 12.87
N LEU A 78 15.73 13.62 12.76
CA LEU A 78 14.36 13.60 13.32
C LEU A 78 14.37 12.68 14.55
N LYS A 79 13.76 13.14 15.64
CA LYS A 79 13.64 12.34 16.85
C LYS A 79 12.21 12.21 17.30
N ILE A 80 11.89 11.03 17.85
CA ILE A 80 10.64 10.81 18.54
C ILE A 80 11.03 10.42 19.96
N SER A 81 10.74 11.30 20.90
CA SER A 81 11.10 11.10 22.30
C SER A 81 10.50 9.80 22.89
N ARG A 82 9.19 9.66 22.72
CA ARG A 82 8.45 8.47 23.20
C ARG A 82 7.58 7.93 22.06
N VAL A 83 7.90 6.73 21.55
CA VAL A 83 7.19 6.18 20.38
C VAL A 83 5.81 5.64 20.73
N GLU A 84 4.84 5.94 19.89
CA GLU A 84 3.46 5.47 20.01
C GLU A 84 3.11 4.58 18.83
N ALA A 85 2.01 3.85 18.93
CA ALA A 85 1.49 3.06 17.79
C ALA A 85 0.83 3.93 16.70
N GLU A 86 0.51 5.19 17.03
CA GLU A 86 0.17 6.25 16.07
C GLU A 86 1.28 6.45 15.03
N ASP A 87 2.52 6.28 15.47
CA ASP A 87 3.71 6.65 14.70
C ASP A 87 4.16 5.67 13.62
N VAL A 88 3.50 4.52 13.51
CA VAL A 88 3.78 3.58 12.43
C VAL A 88 3.57 4.20 11.03
N GLY A 89 4.51 3.93 10.12
CA GLY A 89 4.46 4.42 8.73
C GLY A 89 5.84 4.63 8.15
N VAL A 90 5.91 5.41 7.07
CA VAL A 90 7.20 5.75 6.41
C VAL A 90 7.54 7.23 6.56
N TYR A 91 8.72 7.54 7.08
CA TYR A 91 9.13 8.93 7.28
C TYR A 91 10.08 9.37 6.18
N TYR A 92 9.76 10.50 5.51
CA TYR A 92 10.62 11.07 4.46
C TYR A 92 11.18 12.42 4.86
N CYS A 93 12.34 12.77 4.29
CA CYS A 93 12.89 14.12 4.40
C CYS A 93 12.82 14.71 3.03
N SER A 94 12.91 16.03 2.95
CA SER A 94 12.79 16.73 1.67
C SER A 94 13.39 18.11 1.76
N GLN A 95 13.83 18.64 0.63
CA GLN A 95 14.25 20.05 0.54
C GLN A 95 13.50 20.78 -0.57
N THR A 96 13.07 22.01 -0.28
CA THR A 96 12.45 22.93 -1.25
C THR A 96 13.42 24.08 -1.61
N ARG A 97 14.70 23.90 -1.29
CA ARG A 97 15.72 24.96 -1.37
C ARG A 97 16.24 25.26 -2.78
N HIS A 98 16.40 24.23 -3.60
CA HIS A 98 16.83 24.41 -4.98
C HIS A 98 16.28 23.29 -5.89
N VAL A 99 16.08 23.63 -7.16
CA VAL A 99 15.45 22.74 -8.12
C VAL A 99 16.52 21.76 -8.61
N PRO A 100 16.18 20.47 -8.86
CA PRO A 100 14.86 19.88 -8.60
C PRO A 100 14.64 19.54 -7.13
N TYR A 101 13.37 19.52 -6.73
CA TYR A 101 13.00 19.28 -5.34
C TYR A 101 13.07 17.78 -5.07
N THR A 102 13.78 17.38 -4.02
CA THR A 102 14.14 15.97 -3.81
C THR A 102 13.75 15.41 -2.45
N PHE A 103 13.25 14.18 -2.46
CA PHE A 103 12.90 13.42 -1.26
C PHE A 103 13.92 12.33 -0.99
N GLY A 104 13.95 11.88 0.27
CA GLY A 104 14.61 10.64 0.60
C GLY A 104 13.83 9.44 0.07
N GLY A 105 14.46 8.28 0.14
CA GLY A 105 13.84 7.02 -0.21
C GLY A 105 12.96 6.51 0.92
N GLY A 106 13.12 7.06 2.13
CA GLY A 106 12.18 6.82 3.23
C GLY A 106 12.67 5.83 4.26
N THR A 107 12.10 5.92 5.45
CA THR A 107 12.42 5.03 6.58
C THR A 107 11.09 4.49 7.10
N LYS A 108 10.91 3.15 7.06
CA LYS A 108 9.69 2.49 7.57
C LYS A 108 9.87 2.27 9.06
N VAL A 109 8.94 2.80 9.85
CA VAL A 109 8.92 2.56 11.27
C VAL A 109 7.89 1.47 11.56
N GLU A 110 8.34 0.45 12.28
CA GLU A 110 7.54 -0.73 12.60
C GLU A 110 7.48 -0.78 14.14
N ILE A 111 6.46 -1.43 14.68
CA ILE A 111 6.33 -1.55 16.14
C ILE A 111 6.91 -2.89 16.56
N LYS A 112 7.85 -2.85 17.50
CA LYS A 112 8.39 -4.05 18.14
C LYS A 112 7.40 -4.53 19.21
N ARG A 113 7.24 -5.84 19.31
CA ARG A 113 6.18 -6.46 20.09
C ARG A 113 6.66 -7.83 20.55
N THR A 114 6.02 -8.37 21.59
CA THR A 114 6.25 -9.76 21.99
C THR A 114 5.92 -10.71 20.83
N VAL A 115 6.66 -11.80 20.76
CA VAL A 115 6.52 -12.80 19.71
C VAL A 115 5.14 -13.41 19.84
N ALA A 116 4.48 -13.68 18.72
CA ALA A 116 3.19 -14.38 18.72
C ALA A 116 3.04 -15.23 17.45
N ALA A 117 2.58 -16.47 17.64
CA ALA A 117 2.58 -17.46 16.57
C ALA A 117 1.31 -17.34 15.73
N PRO A 118 1.37 -17.77 14.47
CA PRO A 118 0.19 -17.67 13.61
C PRO A 118 -0.76 -18.83 13.77
N SER A 119 -2.06 -18.54 13.76
CA SER A 119 -3.07 -19.55 13.42
C SER A 119 -2.98 -19.75 11.92
N VAL A 120 -3.10 -21.01 11.47
CA VAL A 120 -2.88 -21.38 10.07
C VAL A 120 -4.09 -22.09 9.48
N PHE A 121 -4.50 -21.65 8.30
CA PHE A 121 -5.66 -22.18 7.60
C PHE A 121 -5.32 -22.43 6.15
N ILE A 122 -5.96 -23.43 5.57
CA ILE A 122 -5.69 -23.85 4.20
C ILE A 122 -7.02 -24.08 3.48
N PHE A 123 -7.08 -23.64 2.23
CA PHE A 123 -8.31 -23.62 1.47
C PHE A 123 -8.11 -24.36 0.17
N PRO A 124 -8.96 -25.37 -0.13
CA PRO A 124 -8.90 -25.98 -1.46
C PRO A 124 -9.43 -25.03 -2.52
N PRO A 125 -9.20 -25.33 -3.79
CA PRO A 125 -9.88 -24.60 -4.87
C PRO A 125 -11.38 -24.80 -4.83
N SER A 126 -12.12 -23.75 -5.14
CA SER A 126 -13.56 -23.84 -5.30
C SER A 126 -13.91 -24.67 -6.52
N ASP A 127 -15.07 -25.29 -6.48
CA ASP A 127 -15.62 -25.97 -7.66
C ASP A 127 -15.82 -24.99 -8.82
N GLU A 128 -16.09 -23.73 -8.51
CA GLU A 128 -16.30 -22.69 -9.55
C GLU A 128 -14.99 -22.35 -10.26
N GLN A 129 -13.90 -22.29 -9.49
CA GLN A 129 -12.57 -22.04 -10.07
C GLN A 129 -12.12 -23.21 -10.95
N LEU A 130 -12.42 -24.43 -10.50
CA LEU A 130 -12.13 -25.65 -11.27
C LEU A 130 -12.93 -25.68 -12.57
N LYS A 131 -14.21 -25.32 -12.48
CA LYS A 131 -15.06 -25.14 -13.66
C LYS A 131 -14.46 -24.12 -14.66
N SER A 132 -13.75 -23.11 -14.15
CA SER A 132 -13.00 -22.18 -15.01
C SER A 132 -11.85 -22.84 -15.81
N GLY A 133 -11.11 -23.74 -15.16
CA GLY A 133 -9.91 -24.32 -15.77
C GLY A 133 -8.62 -24.05 -15.01
N THR A 134 -8.68 -23.21 -13.97
CA THR A 134 -7.53 -22.96 -13.08
C THR A 134 -7.75 -23.50 -11.67
N ALA A 135 -6.66 -23.66 -10.95
CA ALA A 135 -6.69 -24.05 -9.55
C ALA A 135 -5.74 -23.18 -8.74
N SER A 136 -6.20 -22.72 -7.59
CA SER A 136 -5.34 -22.00 -6.67
C SER A 136 -5.66 -22.42 -5.24
N VAL A 137 -4.61 -22.66 -4.48
CA VAL A 137 -4.70 -23.24 -3.16
C VAL A 137 -4.12 -22.20 -2.25
N VAL A 138 -4.92 -21.72 -1.32
CA VAL A 138 -4.57 -20.59 -0.49
C VAL A 138 -4.28 -21.01 0.93
N CYS A 139 -3.20 -20.48 1.47
CA CYS A 139 -2.82 -20.79 2.81
C CYS A 139 -2.71 -19.48 3.61
N LEU A 140 -3.51 -19.37 4.68
CA LEU A 140 -3.58 -18.16 5.51
C LEU A 140 -2.79 -18.30 6.81
N LEU A 141 -1.97 -17.29 7.13
CA LEU A 141 -1.35 -17.17 8.47
C LEU A 141 -1.94 -15.95 9.16
N ASN A 142 -2.74 -16.13 10.22
CA ASN A 142 -3.44 -15.00 10.89
C ASN A 142 -2.79 -14.55 12.20
N ASN A 143 -2.72 -13.24 12.40
CA ASN A 143 -2.40 -12.60 13.68
C ASN A 143 -1.09 -13.05 14.32
N PHE A 144 0.02 -12.89 13.60
CA PHE A 144 1.33 -13.29 14.10
C PHE A 144 2.36 -12.18 14.12
N TYR A 145 3.42 -12.38 14.90
CA TYR A 145 4.56 -11.47 14.97
C TYR A 145 5.80 -12.31 15.35
N PRO A 146 6.99 -12.07 14.79
CA PRO A 146 7.31 -11.06 13.79
C PRO A 146 6.97 -11.46 12.36
N ARG A 147 7.33 -10.59 11.41
CA ARG A 147 6.99 -10.74 9.99
C ARG A 147 7.64 -11.98 9.35
N GLU A 148 8.96 -12.11 9.51
CA GLU A 148 9.74 -13.14 8.81
C GLU A 148 9.15 -14.53 9.05
N ALA A 149 8.92 -15.26 7.96
CA ALA A 149 8.25 -16.57 8.01
C ALA A 149 8.45 -17.32 6.68
N LYS A 150 8.66 -18.63 6.78
CA LYS A 150 8.81 -19.51 5.62
C LYS A 150 7.54 -20.31 5.52
N VAL A 151 6.80 -20.04 4.44
CA VAL A 151 5.66 -20.84 4.04
C VAL A 151 6.10 -21.66 2.84
N GLN A 152 5.88 -22.98 2.87
CA GLN A 152 6.37 -23.88 1.83
C GLN A 152 5.29 -24.87 1.46
N TRP A 153 5.14 -25.09 0.15
CA TRP A 153 4.06 -25.88 -0.41
C TRP A 153 4.54 -27.28 -0.78
N LYS A 154 3.75 -28.30 -0.42
CA LYS A 154 4.04 -29.69 -0.79
C LYS A 154 2.81 -30.30 -1.49
N VAL A 155 3.03 -30.93 -2.65
CA VAL A 155 1.99 -31.74 -3.30
C VAL A 155 2.52 -33.17 -3.29
N ASP A 156 1.82 -34.05 -2.58
CA ASP A 156 2.29 -35.41 -2.25
C ASP A 156 3.76 -35.42 -1.78
N ASN A 157 4.08 -34.53 -0.85
CA ASN A 157 5.44 -34.35 -0.30
C ASN A 157 6.55 -33.99 -1.30
N ALA A 158 6.14 -33.44 -2.45
CA ALA A 158 7.07 -32.84 -3.39
C ALA A 158 7.09 -31.36 -3.07
N LEU A 159 8.21 -30.88 -2.55
CA LEU A 159 8.44 -29.46 -2.32
C LEU A 159 8.26 -28.67 -3.62
N GLN A 160 7.56 -27.53 -3.55
CA GLN A 160 7.27 -26.68 -4.72
C GLN A 160 8.10 -25.41 -4.71
N SER A 161 8.41 -24.88 -5.90
CA SER A 161 9.06 -23.56 -5.98
C SER A 161 8.74 -22.77 -7.25
N GLY A 162 8.73 -21.44 -7.12
CA GLY A 162 8.40 -20.54 -8.22
C GLY A 162 6.96 -20.50 -8.70
N ASN A 163 6.06 -21.22 -8.02
CA ASN A 163 4.63 -21.23 -8.38
C ASN A 163 3.71 -20.76 -7.25
N SER A 164 4.30 -20.17 -6.20
CA SER A 164 3.51 -19.56 -5.12
C SER A 164 3.92 -18.11 -4.92
N GLN A 165 2.96 -17.26 -4.52
CA GLN A 165 3.25 -15.88 -4.17
C GLN A 165 2.43 -15.42 -2.97
N GLU A 166 3.02 -14.48 -2.23
CA GLU A 166 2.54 -14.08 -0.91
C GLU A 166 2.19 -12.61 -0.90
N SER A 167 1.17 -12.23 -0.13
CA SER A 167 1.02 -10.82 0.30
C SER A 167 0.83 -10.78 1.80
N VAL A 168 1.15 -9.63 2.37
CA VAL A 168 1.19 -9.41 3.80
C VAL A 168 0.32 -8.22 4.10
N THR A 169 -0.40 -8.26 5.23
CA THR A 169 -1.12 -7.07 5.71
C THR A 169 -0.17 -6.07 6.37
N GLU A 170 -0.67 -4.85 6.59
CA GLU A 170 0.01 -3.87 7.45
C GLU A 170 -0.31 -4.29 8.86
N GLN A 171 0.60 -4.07 9.80
CA GLN A 171 0.37 -4.57 11.15
C GLN A 171 -0.82 -3.87 11.80
N ASP A 172 -1.58 -4.65 12.55
CA ASP A 172 -2.93 -4.31 13.01
C ASP A 172 -2.92 -3.16 14.01
N SER A 173 -3.98 -2.36 14.01
CA SER A 173 -4.10 -1.18 14.92
C SER A 173 -4.13 -1.52 16.41
N LYS A 174 -5.03 -2.44 16.78
CA LYS A 174 -5.11 -2.96 18.15
C LYS A 174 -3.94 -3.89 18.42
N ASP A 175 -3.72 -4.83 17.50
CA ASP A 175 -2.94 -6.05 17.75
C ASP A 175 -1.43 -5.91 17.55
N SER A 176 -1.01 -5.02 16.64
CA SER A 176 0.39 -4.90 16.15
C SER A 176 0.93 -6.13 15.44
N THR A 177 0.03 -7.04 15.05
CA THR A 177 0.41 -8.30 14.43
C THR A 177 0.20 -8.21 12.93
N TYR A 178 0.91 -9.09 12.24
CA TYR A 178 0.77 -9.25 10.81
C TYR A 178 -0.18 -10.40 10.55
N SER A 179 -0.63 -10.47 9.31
CA SER A 179 -1.25 -11.67 8.76
C SER A 179 -0.70 -11.84 7.34
N LEU A 180 -0.86 -13.03 6.76
CA LEU A 180 -0.21 -13.33 5.49
C LEU A 180 -0.97 -14.37 4.71
N SER A 181 -0.93 -14.23 3.39
CA SER A 181 -1.48 -15.24 2.50
C SER A 181 -0.36 -15.74 1.61
N SER A 182 -0.39 -17.03 1.30
CA SER A 182 0.42 -17.65 0.26
C SER A 182 -0.54 -18.34 -0.70
N THR A 183 -0.34 -18.15 -2.00
CA THR A 183 -1.27 -18.64 -3.00
C THR A 183 -0.52 -19.43 -4.06
N LEU A 184 -0.91 -20.70 -4.19
CA LEU A 184 -0.22 -21.68 -5.03
C LEU A 184 -1.05 -21.86 -6.27
N THR A 185 -0.42 -21.69 -7.44
CA THR A 185 -1.13 -21.83 -8.70
C THR A 185 -0.73 -23.14 -9.36
N LEU A 186 -1.72 -23.85 -9.87
CA LEU A 186 -1.54 -25.11 -10.56
C LEU A 186 -2.62 -25.22 -11.60
N SER A 187 -2.44 -26.17 -12.49
CA SER A 187 -3.42 -26.38 -13.55
C SER A 187 -4.54 -27.21 -12.96
N LYS A 188 -5.74 -27.10 -13.56
CA LYS A 188 -6.85 -27.98 -13.21
C LYS A 188 -6.43 -29.42 -13.40
N ALA A 189 -5.89 -29.70 -14.59
CA ALA A 189 -5.42 -31.02 -14.94
C ALA A 189 -4.49 -31.61 -13.88
N ASP A 190 -3.52 -30.84 -13.38
CA ASP A 190 -2.60 -31.38 -12.37
C ASP A 190 -3.24 -31.53 -11.01
N TYR A 191 -4.06 -30.55 -10.63
CA TYR A 191 -4.74 -30.57 -9.35
C TYR A 191 -5.57 -31.84 -9.21
N GLU A 192 -6.33 -32.18 -10.25
CA GLU A 192 -7.13 -33.42 -10.27
C GLU A 192 -6.30 -34.68 -10.00
N LYS A 193 -5.07 -34.74 -10.54
CA LYS A 193 -4.22 -35.94 -10.46
C LYS A 193 -3.73 -36.30 -9.03
N HIS A 194 -3.51 -35.31 -8.17
CA HIS A 194 -2.82 -35.52 -6.88
C HIS A 194 -3.76 -35.52 -5.67
N LYS A 195 -3.29 -36.03 -4.53
CA LYS A 195 -4.17 -36.29 -3.37
C LYS A 195 -4.03 -35.25 -2.27
N VAL A 196 -2.82 -35.13 -1.73
CA VAL A 196 -2.60 -34.38 -0.48
C VAL A 196 -1.85 -33.06 -0.69
N TYR A 197 -2.51 -31.95 -0.36
CA TYR A 197 -1.96 -30.59 -0.56
C TYR A 197 -1.62 -29.93 0.78
N ALA A 198 -0.36 -29.53 0.97
CA ALA A 198 0.15 -29.17 2.30
C ALA A 198 0.91 -27.83 2.37
N CYS A 199 0.58 -27.06 3.39
CA CYS A 199 1.20 -25.78 3.65
C CYS A 199 2.10 -25.87 4.89
N GLU A 200 3.42 -25.88 4.71
CA GLU A 200 4.36 -26.00 5.84
C GLU A 200 4.88 -24.62 6.26
N VAL A 201 4.56 -24.25 7.51
CA VAL A 201 4.84 -22.92 8.04
C VAL A 201 5.91 -22.98 9.12
N THR A 202 6.98 -22.22 8.93
CA THR A 202 8.06 -22.11 9.89
C THR A 202 8.02 -20.67 10.45
N HIS A 203 8.18 -20.54 11.76
CA HIS A 203 8.13 -19.23 12.44
C HIS A 203 8.85 -19.25 13.79
N GLN A 204 9.46 -18.12 14.16
CA GLN A 204 10.16 -18.01 15.45
C GLN A 204 9.30 -18.41 16.66
N GLY A 205 8.03 -18.05 16.62
CA GLY A 205 7.09 -18.36 17.70
C GLY A 205 6.55 -19.78 17.71
N LEU A 206 6.96 -20.60 16.74
CA LEU A 206 6.69 -22.04 16.75
C LEU A 206 7.95 -22.80 17.19
N SER A 207 7.76 -23.77 18.09
CA SER A 207 8.88 -24.60 18.58
C SER A 207 9.52 -25.42 17.45
N SER A 208 8.69 -25.93 16.53
CA SER A 208 9.17 -26.55 15.28
C SER A 208 8.16 -26.33 14.14
N PRO A 209 8.60 -26.43 12.86
CA PRO A 209 7.69 -26.17 11.73
C PRO A 209 6.36 -26.93 11.82
N VAL A 210 5.26 -26.29 11.44
CA VAL A 210 3.91 -26.89 11.52
C VAL A 210 3.22 -26.93 10.15
N THR A 211 2.26 -27.85 10.02
CA THR A 211 1.65 -28.19 8.72
C THR A 211 0.12 -28.23 8.80
N LYS A 212 -0.52 -27.73 7.74
CA LYS A 212 -1.97 -27.88 7.56
C LYS A 212 -2.19 -28.36 6.16
N SER A 213 -3.05 -29.37 6.01
CA SER A 213 -3.28 -30.02 4.72
C SER A 213 -4.72 -30.47 4.50
N PHE A 214 -4.98 -30.99 3.32
CA PHE A 214 -6.25 -31.64 3.01
C PHE A 214 -6.04 -32.69 1.92
N ASN A 215 -7.03 -33.60 1.82
CA ASN A 215 -7.12 -34.55 0.71
C ASN A 215 -8.30 -34.05 -0.13
N ARG A 216 -8.18 -34.13 -1.44
CA ARG A 216 -9.19 -33.53 -2.36
C ARG A 216 -10.66 -33.91 -2.12
N GLY A 217 -10.92 -35.14 -1.66
CA GLY A 217 -12.31 -35.60 -1.43
C GLY A 217 -13.01 -34.93 -0.27
N GLU A 218 -12.43 -35.07 0.92
CA GLU A 218 -13.01 -34.49 2.15
C GLU A 218 -12.03 -34.60 3.32
N GLU B 1 -9.79 24.25 7.69
CA GLU B 1 -10.22 23.14 6.79
C GLU B 1 -9.62 23.32 5.41
N VAL B 2 -8.33 22.99 5.31
CA VAL B 2 -7.63 22.90 4.02
C VAL B 2 -8.06 21.61 3.33
N GLN B 3 -8.37 21.71 2.04
CA GLN B 3 -8.74 20.56 1.20
C GLN B 3 -8.06 20.74 -0.17
N LEU B 4 -7.51 19.66 -0.70
CA LEU B 4 -7.00 19.58 -2.08
C LEU B 4 -7.63 18.32 -2.71
N VAL B 5 -8.34 18.48 -3.82
CA VAL B 5 -8.97 17.35 -4.48
C VAL B 5 -8.39 17.23 -5.88
N GLU B 6 -7.95 16.03 -6.26
CA GLU B 6 -7.41 15.73 -7.58
C GLU B 6 -8.46 15.00 -8.40
N SER B 7 -8.39 15.16 -9.72
CA SER B 7 -9.23 14.42 -10.69
C SER B 7 -8.43 14.10 -11.94
N GLY B 8 -8.95 13.19 -12.75
CA GLY B 8 -8.40 12.90 -14.08
C GLY B 8 -7.76 11.53 -14.24
N GLY B 9 -7.19 10.98 -13.17
CA GLY B 9 -6.49 9.71 -13.24
C GLY B 9 -7.37 8.54 -13.65
N GLY B 10 -6.72 7.52 -14.19
CA GLY B 10 -7.38 6.39 -14.83
C GLY B 10 -6.39 5.64 -15.68
N LEU B 11 -6.87 4.68 -16.46
CA LEU B 11 -6.02 3.86 -17.34
C LEU B 11 -5.72 4.57 -18.67
N VAL B 12 -4.44 4.66 -19.02
CA VAL B 12 -4.02 5.21 -20.31
C VAL B 12 -3.13 4.20 -21.06
N GLN B 13 -3.11 4.30 -22.40
CA GLN B 13 -2.20 3.49 -23.24
C GLN B 13 -0.84 4.20 -23.38
N PRO B 14 0.27 3.45 -23.55
CA PRO B 14 1.58 4.15 -23.62
C PRO B 14 1.67 5.11 -24.81
N GLY B 15 2.45 6.17 -24.66
CA GLY B 15 2.42 7.29 -25.62
C GLY B 15 1.07 8.01 -25.76
N GLY B 16 0.16 7.81 -24.80
CA GLY B 16 -1.17 8.46 -24.80
C GLY B 16 -1.17 9.67 -23.88
N SER B 17 -2.28 10.42 -23.90
CA SER B 17 -2.41 11.65 -23.11
C SER B 17 -3.46 11.51 -22.01
N LEU B 18 -3.27 12.32 -20.96
CA LEU B 18 -4.18 12.38 -19.80
C LEU B 18 -3.99 13.71 -19.04
N ARG B 19 -5.12 14.36 -18.72
CA ARG B 19 -5.13 15.69 -18.11
C ARG B 19 -5.57 15.66 -16.65
N LEU B 20 -4.64 15.96 -15.74
CA LEU B 20 -4.91 15.95 -14.31
C LEU B 20 -5.24 17.38 -13.87
N SER B 21 -6.20 17.49 -12.95
CA SER B 21 -6.58 18.77 -12.37
C SER B 21 -6.76 18.61 -10.89
N CYS B 22 -6.49 19.70 -10.18
CA CYS B 22 -6.62 19.75 -8.74
C CYS B 22 -7.37 21.01 -8.32
N ALA B 23 -8.51 20.81 -7.64
CA ALA B 23 -9.35 21.90 -7.06
C ALA B 23 -9.04 22.11 -5.57
N VAL B 24 -9.16 23.34 -5.07
CA VAL B 24 -8.71 23.72 -3.71
C VAL B 24 -9.72 24.55 -2.87
N SER B 25 -9.75 24.27 -1.56
CA SER B 25 -10.48 25.06 -0.53
C SER B 25 -9.64 25.34 0.73
N GLY B 26 -9.97 26.42 1.45
CA GLY B 26 -9.50 26.66 2.82
C GLY B 26 -8.29 27.56 3.00
N PHE B 27 -7.76 28.06 1.88
CA PHE B 27 -6.66 29.06 1.88
C PHE B 27 -6.61 29.78 0.53
N THR B 28 -5.85 30.87 0.50
CA THR B 28 -5.80 31.74 -0.70
C THR B 28 -4.98 31.07 -1.81
N PHE B 29 -5.67 30.45 -2.76
CA PHE B 29 -4.99 29.70 -3.83
C PHE B 29 -3.89 30.51 -4.52
N SER B 30 -4.18 31.78 -4.81
CA SER B 30 -3.25 32.63 -5.57
C SER B 30 -2.08 33.20 -4.75
N ASP B 31 -2.10 33.09 -3.43
CA ASP B 31 -0.91 33.43 -2.63
C ASP B 31 0.12 32.31 -2.62
N ASN B 32 -0.29 31.09 -2.99
CA ASN B 32 0.55 29.89 -2.82
C ASN B 32 1.14 29.31 -4.13
N GLY B 33 2.44 29.00 -4.07
CA GLY B 33 3.07 28.10 -5.03
C GLY B 33 2.51 26.72 -4.85
N MET B 34 2.39 25.97 -5.94
CA MET B 34 1.85 24.61 -5.92
C MET B 34 2.83 23.64 -6.57
N ALA B 35 2.63 22.36 -6.29
CA ALA B 35 3.42 21.29 -6.86
C ALA B 35 2.55 20.07 -7.16
N TRP B 36 3.06 19.20 -8.03
CA TRP B 36 2.66 17.80 -8.04
C TRP B 36 3.83 16.92 -7.58
N VAL B 37 3.50 15.88 -6.80
CA VAL B 37 4.41 14.82 -6.38
C VAL B 37 3.74 13.49 -6.68
N ARG B 38 4.49 12.48 -7.12
CA ARG B 38 3.94 11.16 -7.35
C ARG B 38 4.62 10.07 -6.55
N GLN B 39 3.93 8.95 -6.43
CA GLN B 39 4.44 7.76 -5.76
C GLN B 39 4.09 6.52 -6.60
N ALA B 40 5.09 5.91 -7.23
CA ALA B 40 4.90 4.67 -7.97
C ALA B 40 4.50 3.59 -6.97
N PRO B 41 3.74 2.57 -7.43
CA PRO B 41 3.30 1.57 -6.45
C PRO B 41 4.48 0.86 -5.77
N GLY B 42 4.44 0.86 -4.45
CA GLY B 42 5.48 0.26 -3.64
C GLY B 42 6.78 1.01 -3.61
N LYS B 43 6.80 2.27 -4.04
CA LYS B 43 8.03 3.06 -4.12
C LYS B 43 7.92 4.35 -3.29
N GLY B 44 9.00 5.14 -3.29
CA GLY B 44 9.04 6.41 -2.56
C GLY B 44 8.30 7.55 -3.24
N LEU B 45 8.42 8.71 -2.63
CA LEU B 45 7.81 9.93 -3.15
C LEU B 45 8.78 10.53 -4.16
N GLU B 46 8.25 10.90 -5.33
CA GLU B 46 9.04 11.53 -6.40
C GLU B 46 8.36 12.83 -6.82
N TRP B 47 9.08 13.94 -6.64
CA TRP B 47 8.59 15.25 -7.08
C TRP B 47 8.51 15.34 -8.62
N VAL B 48 7.40 15.86 -9.14
CA VAL B 48 7.18 16.03 -10.57
C VAL B 48 7.39 17.46 -11.03
N SER B 49 6.57 18.39 -10.53
CA SER B 49 6.51 19.73 -11.11
C SER B 49 6.17 20.79 -10.09
N PHE B 50 6.45 22.05 -10.41
CA PHE B 50 6.15 23.21 -9.54
C PHE B 50 5.79 24.48 -10.32
N ILE B 51 4.85 25.25 -9.80
CA ILE B 51 4.40 26.46 -10.45
C ILE B 51 4.20 27.55 -9.42
N SER B 52 4.65 28.77 -9.76
CA SER B 52 4.72 29.88 -8.80
C SER B 52 3.33 30.41 -8.54
N ASN B 53 3.25 31.21 -7.49
CA ASN B 53 1.98 31.81 -7.09
C ASN B 53 1.29 32.57 -8.24
N LEU B 54 2.05 33.27 -9.10
CA LEU B 54 1.44 33.98 -10.25
C LEU B 54 1.82 33.43 -11.65
N ALA B 55 2.26 32.16 -11.70
CA ALA B 55 2.62 31.45 -12.95
C ALA B 55 3.85 32.02 -13.70
N TYR B 56 4.72 32.71 -12.96
CA TYR B 56 5.90 33.33 -13.57
C TYR B 56 7.02 32.32 -13.67
N SER B 57 7.21 31.48 -12.64
CA SER B 57 8.22 30.40 -12.65
C SER B 57 7.56 29.02 -12.73
N ILE B 58 8.02 28.15 -13.63
CA ILE B 58 7.70 26.74 -13.50
C ILE B 58 8.97 25.87 -13.54
N ASP B 59 8.92 24.75 -12.83
CA ASP B 59 10.01 23.77 -12.73
C ASP B 59 9.51 22.35 -12.94
N TYR B 60 10.37 21.51 -13.53
CA TYR B 60 10.03 20.13 -13.81
C TYR B 60 11.14 19.15 -13.42
N ALA B 61 10.72 17.89 -13.25
CA ALA B 61 11.60 16.78 -12.95
C ALA B 61 12.26 16.33 -14.24
N ASP B 62 13.45 15.73 -14.15
CA ASP B 62 14.19 15.29 -15.32
C ASP B 62 13.45 14.27 -16.15
N THR B 63 12.76 13.37 -15.47
CA THR B 63 12.01 12.31 -16.13
C THR B 63 10.89 12.82 -17.03
N VAL B 64 10.24 13.88 -16.61
CA VAL B 64 9.12 14.43 -17.36
C VAL B 64 9.36 15.74 -18.09
N THR B 65 10.61 16.15 -18.27
CA THR B 65 10.87 17.46 -18.88
C THR B 65 10.27 17.59 -20.26
N GLY B 66 10.42 16.58 -21.08
CA GLY B 66 9.84 16.65 -22.40
C GLY B 66 8.33 16.65 -22.54
N ARG B 67 7.66 15.80 -21.78
CA ARG B 67 6.23 15.59 -21.92
C ARG B 67 5.19 16.12 -20.94
N PHE B 68 5.60 16.74 -19.83
CA PHE B 68 4.64 17.19 -18.82
C PHE B 68 4.48 18.70 -18.73
N THR B 69 3.25 19.20 -18.74
CA THR B 69 3.04 20.63 -18.62
C THR B 69 2.22 21.01 -17.40
N ILE B 70 2.75 21.91 -16.58
CA ILE B 70 2.04 22.41 -15.41
C ILE B 70 1.46 23.80 -15.72
N SER B 71 0.17 23.96 -15.43
CA SER B 71 -0.56 25.20 -15.73
C SER B 71 -1.60 25.39 -14.66
N ARG B 72 -2.00 26.63 -14.42
CA ARG B 72 -3.09 26.92 -13.48
C ARG B 72 -3.93 28.17 -13.80
N ASP B 73 -5.16 28.16 -13.28
CA ASP B 73 -6.15 29.20 -13.49
C ASP B 73 -6.56 29.74 -12.10
N ASN B 74 -5.88 30.80 -11.68
CA ASN B 74 -6.17 31.44 -10.38
C ASN B 74 -7.61 31.97 -10.27
N ALA B 75 -8.18 32.39 -11.39
CA ALA B 75 -9.59 32.79 -11.46
C ALA B 75 -10.52 31.63 -11.01
N LYS B 76 -10.19 30.40 -11.42
CA LYS B 76 -10.98 29.22 -11.04
C LYS B 76 -10.38 28.45 -9.86
N ASN B 77 -9.32 28.99 -9.25
CA ASN B 77 -8.64 28.35 -8.10
C ASN B 77 -8.31 26.86 -8.32
N SER B 78 -7.81 26.56 -9.51
CA SER B 78 -7.55 25.20 -9.96
C SER B 78 -6.12 25.10 -10.49
N LEU B 79 -5.46 23.97 -10.22
CA LEU B 79 -4.12 23.63 -10.70
C LEU B 79 -4.24 22.47 -11.68
N TYR B 80 -3.46 22.50 -12.76
CA TYR B 80 -3.49 21.44 -13.78
C TYR B 80 -2.10 20.81 -14.07
N LEU B 81 -2.14 19.60 -14.62
CA LEU B 81 -0.97 18.90 -15.15
C LEU B 81 -1.37 18.07 -16.37
N GLN B 82 -0.89 18.48 -17.55
CA GLN B 82 -1.14 17.78 -18.82
C GLN B 82 0.03 16.85 -19.09
N MET B 83 -0.25 15.57 -19.25
CA MET B 83 0.77 14.53 -19.39
C MET B 83 0.57 13.88 -20.76
N ASN B 84 1.57 14.05 -21.63
CA ASN B 84 1.41 13.85 -23.08
C ASN B 84 1.95 12.54 -23.66
N SER B 85 3.20 12.20 -23.33
CA SER B 85 3.86 11.00 -23.92
C SER B 85 4.12 10.00 -22.80
N LEU B 86 3.04 9.33 -22.41
CA LEU B 86 3.05 8.54 -21.18
C LEU B 86 3.74 7.19 -21.35
N ARG B 87 4.63 6.88 -20.42
CA ARG B 87 5.32 5.61 -20.37
C ARG B 87 4.81 4.81 -19.17
N ALA B 88 5.26 3.56 -19.08
CA ALA B 88 4.90 2.66 -17.99
C ALA B 88 5.41 3.11 -16.61
N GLU B 89 6.58 3.76 -16.58
CA GLU B 89 7.19 4.22 -15.32
C GLU B 89 6.57 5.53 -14.77
N ASP B 90 5.70 6.16 -15.57
CA ASP B 90 4.85 7.25 -15.10
C ASP B 90 3.66 6.76 -14.25
N THR B 91 3.36 5.47 -14.31
CA THR B 91 2.29 4.90 -13.51
C THR B 91 2.56 5.21 -12.03
N ALA B 92 1.59 5.83 -11.37
CA ALA B 92 1.73 6.24 -9.95
C ALA B 92 0.44 6.83 -9.41
N VAL B 93 0.44 7.09 -8.11
CA VAL B 93 -0.56 7.96 -7.48
C VAL B 93 0.03 9.36 -7.59
N TYR B 94 -0.75 10.28 -8.17
CA TYR B 94 -0.34 11.67 -8.33
C TYR B 94 -0.99 12.54 -7.27
N TYR B 95 -0.16 13.17 -6.45
CA TYR B 95 -0.61 14.05 -5.37
C TYR B 95 -0.52 15.50 -5.74
N CYS B 96 -1.64 16.19 -5.62
CA CYS B 96 -1.66 17.64 -5.62
C CYS B 96 -1.18 18.16 -4.28
N VAL B 97 -0.30 19.15 -4.29
CA VAL B 97 0.45 19.52 -3.08
C VAL B 97 0.77 21.02 -3.01
N SER B 98 0.65 21.61 -1.82
CA SER B 98 1.01 23.02 -1.60
C SER B 98 2.53 23.21 -1.69
N GLY B 99 2.97 24.25 -2.38
CA GLY B 99 4.38 24.43 -2.75
C GLY B 99 5.32 24.86 -1.64
N THR B 100 4.84 25.67 -0.71
CA THR B 100 5.66 26.07 0.43
C THR B 100 5.70 24.92 1.43
N TRP B 101 6.90 24.37 1.66
CA TRP B 101 7.12 23.29 2.62
C TRP B 101 6.45 21.93 2.29
N PHE B 102 5.76 21.82 1.15
CA PHE B 102 4.88 20.68 0.85
C PHE B 102 3.92 20.37 2.01
N ALA B 103 3.34 21.42 2.59
CA ALA B 103 2.61 21.30 3.86
C ALA B 103 1.22 20.59 3.78
N TYR B 104 0.48 20.80 2.69
CA TYR B 104 -0.87 20.21 2.55
C TYR B 104 -0.93 19.31 1.30
N TRP B 105 -1.42 18.08 1.47
CA TRP B 105 -1.42 17.04 0.42
C TRP B 105 -2.82 16.59 0.08
N GLY B 106 -3.12 16.48 -1.21
CA GLY B 106 -4.36 15.88 -1.61
C GLY B 106 -4.33 14.38 -1.31
N GLN B 107 -5.45 13.72 -1.57
CA GLN B 107 -5.59 12.29 -1.30
C GLN B 107 -4.87 11.48 -2.37
N GLY B 108 -4.72 12.07 -3.54
CA GLY B 108 -4.02 11.44 -4.66
C GLY B 108 -5.01 10.88 -5.68
N THR B 109 -4.55 10.74 -6.92
CA THR B 109 -5.31 10.09 -7.97
C THR B 109 -4.38 9.16 -8.71
N LEU B 110 -4.87 7.95 -8.98
CA LEU B 110 -4.08 6.87 -9.55
C LEU B 110 -4.08 6.97 -11.06
N VAL B 111 -2.87 7.08 -11.62
CA VAL B 111 -2.66 7.01 -13.06
C VAL B 111 -1.98 5.68 -13.36
N THR B 112 -2.55 4.92 -14.29
CA THR B 112 -2.02 3.63 -14.76
C THR B 112 -1.76 3.73 -16.26
N VAL B 113 -0.53 3.41 -16.69
CA VAL B 113 -0.14 3.42 -18.12
C VAL B 113 0.27 2.04 -18.60
N SER B 114 -0.58 1.38 -19.41
CA SER B 114 -0.22 0.12 -20.06
C SER B 114 -1.17 -0.25 -21.19
N SER B 115 -0.80 -1.26 -21.97
CA SER B 115 -1.57 -1.71 -23.15
C SER B 115 -2.55 -2.84 -22.84
N ALA B 116 -2.58 -3.28 -21.59
CA ALA B 116 -3.49 -4.34 -21.16
C ALA B 116 -4.93 -3.84 -21.12
N SER B 117 -5.86 -4.72 -21.49
CA SER B 117 -7.29 -4.41 -21.41
C SER B 117 -7.78 -4.30 -19.97
N THR B 118 -8.74 -3.41 -19.74
CA THR B 118 -9.46 -3.38 -18.48
C THR B 118 -10.27 -4.67 -18.42
N LYS B 119 -10.04 -5.43 -17.36
CA LYS B 119 -10.78 -6.67 -17.12
C LYS B 119 -11.36 -6.74 -15.70
N GLY B 120 -12.61 -7.19 -15.61
CA GLY B 120 -13.28 -7.40 -14.33
C GLY B 120 -12.83 -8.69 -13.66
N PRO B 121 -12.89 -8.75 -12.32
CA PRO B 121 -12.46 -9.93 -11.60
C PRO B 121 -13.50 -11.03 -11.56
N SER B 122 -13.03 -12.22 -11.20
CA SER B 122 -13.88 -13.35 -10.83
C SER B 122 -13.70 -13.59 -9.32
N VAL B 123 -14.80 -13.89 -8.65
CA VAL B 123 -14.79 -14.04 -7.20
C VAL B 123 -15.18 -15.46 -6.85
N PHE B 124 -14.27 -16.13 -6.14
CA PHE B 124 -14.41 -17.53 -5.79
C PHE B 124 -14.41 -17.60 -4.28
N PRO B 125 -15.28 -18.46 -3.72
CA PRO B 125 -15.34 -18.56 -2.27
C PRO B 125 -14.21 -19.40 -1.74
N LEU B 126 -13.61 -18.97 -0.65
CA LEU B 126 -12.64 -19.76 0.08
C LEU B 126 -13.39 -20.33 1.26
N ALA B 127 -13.97 -21.51 1.03
CA ALA B 127 -14.92 -22.15 1.94
C ALA B 127 -14.23 -22.60 3.22
N PRO B 128 -14.93 -22.45 4.36
CA PRO B 128 -14.31 -22.57 5.65
C PRO B 128 -13.86 -23.97 5.98
N SER B 129 -12.59 -24.06 6.42
CA SER B 129 -11.97 -25.32 6.79
C SER B 129 -12.77 -26.03 7.88
N SER B 130 -12.77 -27.36 7.82
CA SER B 130 -13.58 -28.19 8.70
C SER B 130 -13.12 -28.18 10.17
N LYS B 131 -11.81 -28.17 10.40
CA LYS B 131 -11.22 -28.18 11.76
C LYS B 131 -11.37 -26.84 12.51
N SER B 132 -11.27 -26.90 13.84
CA SER B 132 -11.53 -25.75 14.74
C SER B 132 -10.41 -25.57 15.79
N THR B 133 -9.46 -24.68 15.49
CA THR B 133 -8.33 -24.33 16.39
C THR B 133 -8.71 -24.12 17.85
N GLY B 136 -11.59 -21.93 19.18
CA GLY B 136 -12.64 -22.49 18.34
C GLY B 136 -12.87 -21.68 17.06
N THR B 137 -11.76 -21.34 16.40
CA THR B 137 -11.73 -20.41 15.26
C THR B 137 -11.81 -21.13 13.91
N ALA B 138 -12.76 -20.74 13.07
CA ALA B 138 -12.73 -21.11 11.66
C ALA B 138 -12.22 -19.91 10.84
N ALA B 139 -11.95 -20.12 9.55
CA ALA B 139 -11.62 -19.04 8.63
C ALA B 139 -12.36 -19.23 7.33
N LEU B 140 -12.58 -18.14 6.63
CA LEU B 140 -13.23 -18.21 5.32
C LEU B 140 -12.78 -16.99 4.56
N GLY B 141 -13.14 -16.92 3.28
CA GLY B 141 -12.69 -15.79 2.48
C GLY B 141 -13.23 -15.68 1.08
N CYS B 142 -12.65 -14.72 0.36
CA CYS B 142 -12.94 -14.51 -1.03
C CYS B 142 -11.65 -14.31 -1.80
N LEU B 143 -11.52 -15.08 -2.88
CA LEU B 143 -10.42 -14.94 -3.83
C LEU B 143 -10.98 -14.13 -5.00
N VAL B 144 -10.37 -12.97 -5.22
CA VAL B 144 -10.69 -12.05 -6.30
C VAL B 144 -9.52 -12.13 -7.29
N LYS B 145 -9.73 -12.81 -8.41
CA LYS B 145 -8.65 -13.19 -9.34
C LYS B 145 -8.87 -12.61 -10.73
N ASP B 146 -7.76 -12.27 -11.42
CA ASP B 146 -7.73 -11.90 -12.85
C ASP B 146 -8.48 -10.63 -13.23
N TYR B 147 -8.09 -9.50 -12.61
CA TYR B 147 -8.68 -8.19 -12.94
C TYR B 147 -7.59 -7.19 -13.25
N PHE B 148 -7.93 -6.18 -14.03
CA PHE B 148 -7.01 -5.09 -14.39
C PHE B 148 -7.83 -3.84 -14.72
N PRO B 149 -7.38 -2.62 -14.39
CA PRO B 149 -6.25 -2.35 -13.51
C PRO B 149 -6.73 -2.26 -12.07
N GLU B 150 -5.81 -1.86 -11.19
CA GLU B 150 -6.18 -1.54 -9.81
C GLU B 150 -7.07 -0.29 -9.79
N PRO B 151 -7.87 -0.06 -8.75
CA PRO B 151 -7.95 -0.89 -7.56
C PRO B 151 -9.27 -1.66 -7.49
N VAL B 152 -9.36 -2.56 -6.52
CA VAL B 152 -10.62 -3.22 -6.15
C VAL B 152 -10.84 -2.97 -4.66
N THR B 153 -12.10 -2.92 -4.26
CA THR B 153 -12.47 -2.82 -2.83
C THR B 153 -13.30 -4.04 -2.45
N VAL B 154 -13.10 -4.51 -1.21
CA VAL B 154 -13.83 -5.65 -0.65
C VAL B 154 -14.43 -5.26 0.69
N SER B 155 -15.76 -5.37 0.78
CA SER B 155 -16.50 -5.32 2.04
C SER B 155 -17.14 -6.67 2.31
N TRP B 156 -17.53 -6.89 3.57
CA TRP B 156 -18.23 -8.08 4.01
C TRP B 156 -19.59 -7.71 4.62
N ASN B 157 -20.66 -8.34 4.13
CA ASN B 157 -22.05 -8.02 4.52
C ASN B 157 -22.33 -6.51 4.52
N SER B 158 -22.00 -5.85 3.42
CA SER B 158 -22.25 -4.42 3.25
C SER B 158 -21.70 -3.58 4.43
N GLY B 159 -20.45 -3.84 4.80
CA GLY B 159 -19.76 -3.09 5.87
C GLY B 159 -20.13 -3.46 7.31
N ALA B 160 -21.07 -4.40 7.48
CA ALA B 160 -21.58 -4.79 8.79
C ALA B 160 -20.61 -5.67 9.57
N LEU B 161 -19.85 -6.49 8.84
CA LEU B 161 -18.81 -7.32 9.44
C LEU B 161 -17.48 -6.65 9.15
N THR B 162 -16.80 -6.24 10.21
CA THR B 162 -15.44 -5.64 10.08
C THR B 162 -14.39 -6.30 10.95
N SER B 163 -14.77 -6.77 12.14
CA SER B 163 -13.85 -7.44 13.05
C SER B 163 -13.42 -8.81 12.48
N GLY B 164 -12.11 -9.07 12.56
CA GLY B 164 -11.51 -10.32 12.09
C GLY B 164 -11.10 -10.38 10.63
N VAL B 165 -11.29 -9.27 9.92
CA VAL B 165 -11.17 -9.25 8.48
C VAL B 165 -9.79 -8.79 8.08
N HIS B 166 -9.13 -9.57 7.22
CA HIS B 166 -7.91 -9.16 6.57
C HIS B 166 -8.12 -9.20 5.07
N THR B 167 -8.15 -8.02 4.44
CA THR B 167 -8.16 -7.87 2.98
C THR B 167 -6.74 -7.53 2.55
N PHE B 168 -6.17 -8.37 1.68
CA PHE B 168 -4.73 -8.31 1.44
C PHE B 168 -4.36 -7.27 0.39
N PRO B 169 -3.07 -6.89 0.33
CA PRO B 169 -2.61 -6.15 -0.82
C PRO B 169 -2.58 -7.04 -2.04
N ALA B 170 -3.02 -6.50 -3.17
CA ALA B 170 -3.07 -7.29 -4.40
C ALA B 170 -1.65 -7.63 -4.87
N VAL B 171 -1.58 -8.67 -5.70
CA VAL B 171 -0.33 -9.12 -6.31
C VAL B 171 -0.54 -9.31 -7.79
N LEU B 172 0.52 -9.00 -8.55
CA LEU B 172 0.51 -9.09 -10.00
C LEU B 172 0.93 -10.48 -10.44
N GLN B 173 0.02 -11.23 -11.03
CA GLN B 173 0.32 -12.59 -11.53
C GLN B 173 1.19 -12.50 -12.77
N SER B 174 1.89 -13.61 -13.05
CA SER B 174 2.69 -13.79 -14.27
C SER B 174 1.93 -13.34 -15.51
N SER B 175 0.65 -13.73 -15.58
CA SER B 175 -0.28 -13.33 -16.62
C SER B 175 -0.35 -11.83 -16.89
N GLY B 176 0.09 -11.02 -15.91
CA GLY B 176 -0.04 -9.58 -15.98
C GLY B 176 -1.40 -9.09 -15.51
N LEU B 177 -2.14 -9.94 -14.79
CA LEU B 177 -3.40 -9.56 -14.14
C LEU B 177 -3.20 -9.59 -12.62
N TYR B 178 -3.93 -8.72 -11.92
CA TYR B 178 -3.87 -8.68 -10.46
C TYR B 178 -4.79 -9.73 -9.86
N SER B 179 -4.40 -10.24 -8.70
CA SER B 179 -5.22 -11.17 -7.92
C SER B 179 -5.09 -10.88 -6.46
N LEU B 180 -6.11 -11.25 -5.70
CA LEU B 180 -6.27 -10.84 -4.31
C LEU B 180 -7.21 -11.71 -3.47
N SER B 181 -6.87 -11.88 -2.20
CA SER B 181 -7.73 -12.56 -1.25
C SER B 181 -8.12 -11.64 -0.10
N SER B 182 -9.38 -11.74 0.29
CA SER B 182 -9.85 -11.16 1.54
C SER B 182 -10.41 -12.30 2.35
N VAL B 183 -10.06 -12.33 3.63
CA VAL B 183 -10.45 -13.41 4.51
C VAL B 183 -10.85 -12.85 5.86
N VAL B 184 -11.57 -13.68 6.61
CA VAL B 184 -12.08 -13.33 7.92
C VAL B 184 -12.12 -14.57 8.79
N THR B 185 -11.69 -14.42 10.04
CA THR B 185 -11.76 -15.48 11.03
C THR B 185 -13.04 -15.28 11.84
N VAL B 186 -13.73 -16.39 12.12
CA VAL B 186 -15.00 -16.39 12.84
C VAL B 186 -15.05 -17.56 13.84
N PRO B 187 -16.07 -17.58 14.72
CA PRO B 187 -16.27 -18.79 15.55
C PRO B 187 -16.92 -19.92 14.75
N SER B 188 -16.44 -21.15 14.99
CA SER B 188 -16.85 -22.34 14.23
C SER B 188 -18.35 -22.61 14.34
N SER B 189 -18.88 -22.51 15.56
CA SER B 189 -20.30 -22.69 15.84
C SER B 189 -21.20 -21.66 15.13
N SER B 190 -20.68 -20.45 14.98
CA SER B 190 -21.39 -19.37 14.29
C SER B 190 -21.68 -19.65 12.79
N LEU B 191 -21.10 -20.70 12.21
CA LEU B 191 -21.27 -20.99 10.77
C LEU B 191 -22.72 -21.19 10.30
N GLY B 192 -23.49 -22.00 11.05
CA GLY B 192 -24.90 -22.26 10.71
C GLY B 192 -25.83 -21.08 10.95
N THR B 193 -25.50 -20.29 11.96
CA THR B 193 -26.35 -19.18 12.42
C THR B 193 -26.08 -17.86 11.69
N GLN B 194 -24.85 -17.68 11.18
CA GLN B 194 -24.43 -16.43 10.52
C GLN B 194 -24.22 -16.70 9.03
N THR B 195 -24.45 -15.68 8.20
CA THR B 195 -24.31 -15.74 6.74
C THR B 195 -23.23 -14.77 6.28
N TYR B 196 -22.35 -15.24 5.40
CA TYR B 196 -21.15 -14.52 4.98
C TYR B 196 -21.16 -14.27 3.46
N ILE B 197 -21.28 -13.00 3.09
CA ILE B 197 -21.26 -12.56 1.71
C ILE B 197 -20.13 -11.55 1.54
N CYS B 198 -19.27 -11.74 0.53
CA CYS B 198 -18.27 -10.70 0.21
C CYS B 198 -18.76 -9.82 -0.94
N ASN B 199 -18.55 -8.52 -0.76
CA ASN B 199 -18.97 -7.49 -1.70
C ASN B 199 -17.71 -6.98 -2.34
N VAL B 200 -17.61 -7.20 -3.66
CA VAL B 200 -16.44 -6.80 -4.42
C VAL B 200 -16.87 -5.77 -5.45
N ASN B 201 -16.23 -4.60 -5.39
CA ASN B 201 -16.49 -3.54 -6.34
C ASN B 201 -15.21 -3.24 -7.13
N HIS B 202 -15.33 -3.27 -8.46
CA HIS B 202 -14.24 -2.92 -9.38
C HIS B 202 -14.69 -1.74 -10.26
N LYS B 203 -14.34 -0.54 -9.81
CA LYS B 203 -14.75 0.70 -10.47
C LYS B 203 -14.35 0.73 -11.97
N PRO B 204 -13.06 0.49 -12.30
CA PRO B 204 -12.58 0.57 -13.69
C PRO B 204 -13.37 -0.24 -14.72
N SER B 205 -13.67 -1.50 -14.40
CA SER B 205 -14.48 -2.38 -15.28
C SER B 205 -15.96 -2.20 -15.06
N ASN B 206 -16.31 -1.55 -13.95
CA ASN B 206 -17.68 -1.25 -13.57
C ASN B 206 -18.49 -2.52 -13.27
N THR B 207 -17.81 -3.48 -12.64
CA THR B 207 -18.41 -4.74 -12.23
C THR B 207 -18.46 -4.77 -10.71
N LYS B 208 -19.56 -5.29 -10.17
CA LYS B 208 -19.78 -5.40 -8.73
C LYS B 208 -20.42 -6.76 -8.49
N VAL B 209 -19.78 -7.59 -7.65
CA VAL B 209 -20.24 -8.96 -7.41
C VAL B 209 -20.29 -9.27 -5.92
N ASP B 210 -21.41 -9.86 -5.51
CA ASP B 210 -21.63 -10.33 -4.14
C ASP B 210 -21.61 -11.87 -4.15
N LYS B 211 -20.68 -12.47 -3.40
CA LYS B 211 -20.52 -13.93 -3.38
C LYS B 211 -20.80 -14.47 -2.00
N LYS B 212 -21.69 -15.45 -1.92
CA LYS B 212 -22.01 -16.13 -0.68
C LYS B 212 -20.98 -17.21 -0.43
N VAL B 213 -20.41 -17.23 0.76
CA VAL B 213 -19.45 -18.24 1.16
C VAL B 213 -20.12 -19.21 2.13
N GLU B 214 -20.00 -20.51 1.88
CA GLU B 214 -20.59 -21.55 2.74
C GLU B 214 -19.75 -22.82 2.69
N PRO B 215 -19.85 -23.69 3.73
CA PRO B 215 -19.03 -24.92 3.76
C PRO B 215 -19.40 -25.96 2.68
N LYS B 216 -18.41 -26.75 2.25
CA LYS B 216 -18.53 -27.65 1.10
C LYS B 216 -19.60 -28.74 1.30
N SER B 217 -20.29 -29.10 0.21
CA SER B 217 -21.39 -30.07 0.25
C SER B 217 -20.85 -31.50 0.37
#